data_7UNO
#
_entry.id   7UNO
#
_cell.length_a   52.809
_cell.length_b   65.114
_cell.length_c   69.422
_cell.angle_alpha   90.000
_cell.angle_beta   90.000
_cell.angle_gamma   90.000
#
_symmetry.space_group_name_H-M   'P 21 21 21'
#
loop_
_entity.id
_entity.type
_entity.pdbx_description
1 polymer 'Thioredoxin domain-containing protein'
2 non-polymer 'TRIETHYLENE GLYCOL'
3 non-polymer 1,2-ETHANEDIOL
4 non-polymer 'CHLORIDE ION'
5 water water
#
_entity_poly.entity_id   1
_entity_poly.type   'polypeptide(L)'
_entity_poly.pdbx_seq_one_letter_code
;SNANKSAGTQAEKTATDLPPGFSGKAGSANATPGTKGLDGPTPLADGSFDATIFGPAKELKSADDILNVHRRNAKDPFAV
GAVDAPLVITEFSDFECPFSARWSNQTEPTLMEEYVSKGLVRIEWNDLPVNGEHALAAAKAGRAAAAQGKFDEFRKALFE
ASRNVSGHPNNTLKDFERFARNAGVKDMERFSREAQDSTYDEVLTKAADYAHGLGVSGTPAFVVGTQYISGAQPTEEFIK
VIESELKKSPTFSTPSSHQN
;
_entity_poly.pdbx_strand_id   A
#
loop_
_chem_comp.id
_chem_comp.type
_chem_comp.name
_chem_comp.formula
CL non-polymer 'CHLORIDE ION' 'Cl -1'
EDO non-polymer 1,2-ETHANEDIOL 'C2 H6 O2'
PGE non-polymer 'TRIETHYLENE GLYCOL' 'C6 H14 O4'
#
# COMPACT_ATOMS: atom_id res chain seq x y z
N GLY A 8 -8.51 -33.11 -39.67
CA GLY A 8 -8.66 -32.33 -38.40
C GLY A 8 -7.78 -31.09 -38.32
N THR A 9 -7.07 -30.72 -39.41
CA THR A 9 -6.11 -29.57 -39.44
C THR A 9 -6.87 -28.26 -39.71
N GLN A 10 -8.11 -28.35 -40.17
CA GLN A 10 -8.99 -27.21 -40.52
C GLN A 10 -9.85 -26.86 -39.30
N ALA A 11 -9.24 -26.84 -38.13
CA ALA A 11 -9.92 -26.53 -36.87
C ALA A 11 -8.97 -25.76 -35.96
N GLU A 12 -9.54 -25.03 -35.02
CA GLU A 12 -8.78 -24.25 -34.03
CA GLU A 12 -8.79 -24.24 -34.02
C GLU A 12 -9.14 -24.69 -32.61
N LYS A 13 -8.15 -24.83 -31.76
CA LYS A 13 -8.32 -25.14 -30.31
CA LYS A 13 -8.35 -25.13 -30.32
C LYS A 13 -8.02 -23.89 -29.48
N THR A 14 -8.41 -23.90 -28.22
CA THR A 14 -8.06 -22.82 -27.27
CA THR A 14 -8.07 -22.83 -27.25
C THR A 14 -6.54 -22.78 -27.09
N ALA A 15 -6.02 -21.64 -26.69
CA ALA A 15 -4.57 -21.47 -26.49
C ALA A 15 -4.04 -22.56 -25.54
N THR A 16 -2.90 -23.14 -25.88
CA THR A 16 -2.17 -24.04 -24.95
C THR A 16 -1.80 -23.27 -23.70
N ASP A 17 -1.71 -23.99 -22.60
CA ASP A 17 -1.09 -23.45 -21.38
C ASP A 17 0.42 -23.48 -21.60
N LEU A 18 1.08 -22.45 -21.09
CA LEU A 18 2.52 -22.25 -21.22
C LEU A 18 3.13 -22.23 -19.84
N PRO A 19 4.44 -22.50 -19.74
CA PRO A 19 5.16 -22.24 -18.51
C PRO A 19 5.00 -20.78 -18.10
N PRO A 20 5.03 -20.47 -16.79
CA PRO A 20 4.70 -19.13 -16.34
C PRO A 20 5.56 -18.02 -16.95
N GLY A 21 6.79 -18.30 -17.34
CA GLY A 21 7.67 -17.30 -17.97
C GLY A 21 7.08 -16.77 -19.28
N PHE A 22 6.15 -17.52 -19.91
CA PHE A 22 5.50 -17.10 -21.17
C PHE A 22 3.98 -16.89 -21.02
N SER A 23 3.42 -16.95 -19.81
CA SER A 23 1.96 -17.03 -19.57
CA SER A 23 1.95 -17.03 -19.61
CA SER A 23 1.95 -17.03 -19.62
C SER A 23 1.32 -15.65 -19.37
N GLY A 24 2.14 -14.64 -19.07
CA GLY A 24 1.59 -13.30 -18.75
C GLY A 24 0.76 -13.33 -17.47
N LYS A 25 -0.54 -13.06 -17.59
N LYS A 25 -0.51 -12.92 -17.54
CA LYS A 25 -1.41 -12.70 -16.44
CA LYS A 25 -1.37 -12.69 -16.35
C LYS A 25 -2.32 -13.87 -16.02
C LYS A 25 -2.32 -13.87 -16.09
N ALA A 26 -1.80 -15.09 -15.82
CA ALA A 26 -2.62 -16.30 -15.57
C ALA A 26 -3.28 -16.26 -14.17
N GLY A 27 -2.59 -15.78 -13.15
CA GLY A 27 -3.15 -15.62 -11.80
C GLY A 27 -4.31 -14.65 -11.84
N SER A 28 -4.12 -13.50 -12.46
CA SER A 28 -5.21 -12.50 -12.47
CA SER A 28 -5.15 -12.44 -12.64
C SER A 28 -6.38 -13.01 -13.34
N ALA A 29 -6.12 -13.71 -14.43
CA ALA A 29 -7.18 -14.21 -15.34
C ALA A 29 -8.17 -15.08 -14.56
N ASN A 30 -7.67 -15.84 -13.59
CA ASN A 30 -8.47 -16.91 -12.91
C ASN A 30 -8.92 -16.42 -11.54
N ALA A 31 -8.56 -15.20 -11.12
CA ALA A 31 -8.88 -14.73 -9.77
C ALA A 31 -10.28 -14.13 -9.75
N THR A 32 -10.88 -14.10 -8.57
CA THR A 32 -12.21 -13.48 -8.35
C THR A 32 -12.01 -12.09 -7.78
N PRO A 33 -12.31 -11.01 -8.54
CA PRO A 33 -12.17 -9.66 -7.99
C PRO A 33 -13.07 -9.41 -6.78
N GLY A 34 -12.57 -8.59 -5.87
CA GLY A 34 -13.40 -8.03 -4.81
C GLY A 34 -14.32 -6.97 -5.36
N THR A 35 -15.45 -6.77 -4.71
CA THR A 35 -16.45 -5.77 -5.11
C THR A 35 -16.77 -4.80 -3.98
N LYS A 36 -16.20 -4.97 -2.80
CA LYS A 36 -16.59 -4.17 -1.61
CA LYS A 36 -16.58 -4.19 -1.59
C LYS A 36 -15.47 -3.22 -1.21
N GLY A 37 -15.82 -2.02 -0.80
CA GLY A 37 -14.81 -1.06 -0.32
C GLY A 37 -13.95 -0.45 -1.42
N LEU A 38 -14.41 -0.47 -2.67
CA LEU A 38 -13.63 0.12 -3.78
C LEU A 38 -13.65 1.64 -3.77
N ASP A 39 -14.58 2.24 -3.06
CA ASP A 39 -14.79 3.69 -3.13
C ASP A 39 -14.05 4.42 -2.01
N GLY A 40 -13.22 3.74 -1.26
CA GLY A 40 -12.38 4.38 -0.25
C GLY A 40 -12.78 3.96 1.14
N PRO A 41 -12.06 4.50 2.13
CA PRO A 41 -12.27 4.12 3.53
CA PRO A 41 -12.29 4.08 3.51
C PRO A 41 -13.65 4.55 4.04
N THR A 42 -14.12 3.82 5.02
CA THR A 42 -15.39 4.14 5.69
C THR A 42 -15.10 5.19 6.77
N PRO A 43 -15.79 6.34 6.73
CA PRO A 43 -15.56 7.35 7.76
C PRO A 43 -16.21 7.01 9.09
N LEU A 44 -15.73 7.72 10.10
CA LEU A 44 -16.35 7.79 11.44
C LEU A 44 -17.62 8.60 11.36
N ALA A 45 -18.35 8.64 12.47
CA ALA A 45 -19.68 9.27 12.52
C ALA A 45 -19.63 10.75 12.14
N ASP A 46 -18.52 11.45 12.37
CA ASP A 46 -18.42 12.91 12.08
C ASP A 46 -17.83 13.15 10.69
N GLY A 47 -17.59 12.12 9.90
CA GLY A 47 -17.08 12.28 8.51
C GLY A 47 -15.56 12.27 8.43
N SER A 48 -14.87 12.30 9.57
CA SER A 48 -13.40 12.13 9.62
CA SER A 48 -13.41 12.13 9.63
C SER A 48 -13.08 10.63 9.62
N PHE A 49 -11.80 10.31 9.65
CA PHE A 49 -11.35 8.91 9.55
C PHE A 49 -10.47 8.56 10.72
N ASP A 50 -10.39 7.27 11.03
CA ASP A 50 -9.59 6.79 12.17
C ASP A 50 -8.12 6.64 11.76
N ALA A 51 -7.38 7.72 11.96
CA ALA A 51 -5.95 7.78 11.64
C ALA A 51 -5.10 7.16 12.73
N THR A 52 -5.71 6.49 13.71
CA THR A 52 -4.94 5.70 14.69
C THR A 52 -4.87 4.22 14.31
N ILE A 53 -5.41 3.84 13.16
CA ILE A 53 -5.32 2.42 12.74
C ILE A 53 -3.88 2.08 12.43
N PHE A 54 -3.47 0.89 12.85
CA PHE A 54 -2.14 0.32 12.59
C PHE A 54 -2.23 -1.18 12.83
N GLY A 55 -1.14 -1.90 12.63
CA GLY A 55 -1.04 -3.26 13.15
C GLY A 55 -1.69 -4.28 12.24
N PRO A 56 -1.74 -5.52 12.74
CA PRO A 56 -2.27 -6.67 12.01
C PRO A 56 -3.77 -6.84 12.26
N ALA A 57 -4.40 -7.73 11.51
CA ALA A 57 -5.78 -8.14 11.81
C ALA A 57 -5.87 -8.91 13.13
N LYS A 58 -4.80 -9.61 13.48
CA LYS A 58 -4.76 -10.54 14.62
C LYS A 58 -3.29 -10.81 14.90
N GLU A 59 -2.97 -11.08 16.15
CA GLU A 59 -1.58 -11.37 16.56
C GLU A 59 -0.96 -12.45 15.66
N LEU A 60 0.30 -12.26 15.29
CA LEU A 60 1.09 -13.31 14.65
C LEU A 60 1.92 -14.04 15.71
N LYS A 61 1.83 -15.34 15.68
CA LYS A 61 2.55 -16.19 16.65
C LYS A 61 3.63 -17.04 15.97
N SER A 62 3.49 -17.26 14.68
CA SER A 62 4.38 -18.13 13.88
C SER A 62 4.25 -17.74 12.43
N ALA A 63 5.11 -18.31 11.61
CA ALA A 63 5.04 -18.15 10.15
C ALA A 63 3.67 -18.53 9.60
N ASP A 64 2.95 -19.46 10.23
CA ASP A 64 1.66 -19.88 9.63
CA ASP A 64 1.59 -19.93 9.81
C ASP A 64 0.62 -18.76 9.75
N ASP A 65 0.89 -17.73 10.55
CA ASP A 65 -0.03 -16.58 10.74
C ASP A 65 0.26 -15.43 9.78
N ILE A 66 1.08 -15.62 8.75
CA ILE A 66 1.54 -14.49 7.91
C ILE A 66 0.38 -13.64 7.37
N LEU A 67 -0.74 -14.23 6.96
CA LEU A 67 -1.84 -13.43 6.36
C LEU A 67 -2.41 -12.46 7.39
N ASN A 68 -2.17 -12.67 8.68
CA ASN A 68 -2.68 -11.76 9.71
C ASN A 68 -2.11 -10.35 9.55
N VAL A 69 -1.00 -10.15 8.86
CA VAL A 69 -0.52 -8.75 8.71
C VAL A 69 -1.52 -7.90 7.92
N HIS A 70 -2.35 -8.53 7.09
CA HIS A 70 -3.33 -7.79 6.27
C HIS A 70 -4.55 -7.48 7.12
N ARG A 71 -4.87 -6.21 7.29
CA ARG A 71 -5.97 -5.83 8.19
C ARG A 71 -7.34 -6.06 7.56
N ARG A 72 -7.53 -5.72 6.29
CA ARG A 72 -8.88 -5.73 5.67
C ARG A 72 -9.89 -5.00 6.57
N ASN A 73 -9.50 -3.84 7.06
CA ASN A 73 -10.36 -3.01 7.93
C ASN A 73 -10.97 -1.90 7.08
N ALA A 74 -12.27 -1.96 6.86
CA ALA A 74 -12.91 -0.99 5.95
C ALA A 74 -12.68 0.46 6.39
N LYS A 75 -12.48 0.70 7.68
CA LYS A 75 -12.26 2.07 8.20
CA LYS A 75 -12.27 2.08 8.19
C LYS A 75 -10.84 2.57 7.96
N ASP A 76 -9.94 1.72 7.47
CA ASP A 76 -8.51 2.06 7.41
C ASP A 76 -8.24 3.13 6.36
N PRO A 77 -7.81 4.35 6.78
CA PRO A 77 -7.54 5.40 5.79
C PRO A 77 -6.16 5.29 5.16
N PHE A 78 -5.42 4.24 5.50
CA PHE A 78 -4.09 3.95 4.96
C PHE A 78 -4.14 2.86 3.90
N ALA A 79 -5.32 2.48 3.45
CA ALA A 79 -5.53 1.39 2.50
C ALA A 79 -6.26 1.86 1.26
N VAL A 80 -5.95 1.24 0.14
CA VAL A 80 -6.67 1.48 -1.13
CA VAL A 80 -6.60 1.49 -1.17
C VAL A 80 -6.95 0.14 -1.78
N GLY A 81 -8.12 0.03 -2.36
CA GLY A 81 -8.57 -1.19 -3.02
C GLY A 81 -9.59 -1.94 -2.21
N ALA A 82 -10.19 -2.93 -2.83
CA ALA A 82 -11.35 -3.67 -2.26
C ALA A 82 -10.95 -4.32 -0.96
N VAL A 83 -11.81 -4.20 0.03
CA VAL A 83 -11.58 -4.86 1.34
C VAL A 83 -11.66 -6.39 1.20
N ASP A 84 -12.36 -6.86 0.17
CA ASP A 84 -12.50 -8.29 -0.19
C ASP A 84 -11.65 -8.64 -1.40
N ALA A 85 -10.62 -7.86 -1.72
CA ALA A 85 -9.70 -8.25 -2.82
C ALA A 85 -9.12 -9.61 -2.52
N PRO A 86 -8.84 -10.44 -3.54
CA PRO A 86 -8.22 -11.73 -3.29
C PRO A 86 -6.81 -11.61 -2.72
N LEU A 87 -6.08 -10.54 -3.03
CA LEU A 87 -4.68 -10.39 -2.56
CA LEU A 87 -4.69 -10.39 -2.53
C LEU A 87 -4.53 -9.04 -1.86
N VAL A 88 -3.83 -9.04 -0.73
CA VAL A 88 -3.44 -7.80 -0.06
C VAL A 88 -1.92 -7.69 -0.10
N ILE A 89 -1.46 -6.49 -0.41
CA ILE A 89 -0.05 -6.07 -0.20
C ILE A 89 0.00 -5.23 1.05
N THR A 90 0.73 -5.70 2.04
CA THR A 90 1.08 -4.95 3.25
C THR A 90 2.45 -4.34 3.01
N GLU A 91 2.54 -3.03 3.15
CA GLU A 91 3.79 -2.27 2.96
CA GLU A 91 3.83 -2.33 2.98
C GLU A 91 4.20 -1.63 4.28
N PHE A 92 5.50 -1.68 4.58
CA PHE A 92 6.11 -0.93 5.69
C PHE A 92 7.04 0.09 5.07
N SER A 93 6.84 1.37 5.33
CA SER A 93 7.51 2.43 4.57
CA SER A 93 7.60 2.40 4.59
C SER A 93 7.84 3.65 5.44
N ASP A 94 8.78 4.44 4.94
CA ASP A 94 9.35 5.62 5.60
C ASP A 94 9.34 6.76 4.58
N PHE A 95 8.81 7.92 4.96
CA PHE A 95 8.63 9.05 4.03
C PHE A 95 9.92 9.78 3.69
N GLU A 96 11.03 9.47 4.35
CA GLU A 96 12.33 10.07 4.02
C GLU A 96 13.18 9.12 3.18
N CYS A 97 12.70 7.91 2.93
CA CYS A 97 13.48 6.83 2.33
C CYS A 97 13.38 6.89 0.80
N PRO A 98 14.50 7.00 0.07
CA PRO A 98 14.41 7.10 -1.39
C PRO A 98 13.94 5.81 -2.06
N PHE A 99 14.13 4.67 -1.41
CA PHE A 99 13.62 3.39 -1.94
C PHE A 99 12.10 3.34 -1.78
N SER A 100 11.58 3.82 -0.65
CA SER A 100 10.13 3.94 -0.45
C SER A 100 9.55 4.92 -1.48
N ALA A 101 10.25 6.02 -1.72
CA ALA A 101 9.79 7.01 -2.71
C ALA A 101 9.75 6.34 -4.10
N ARG A 102 10.79 5.61 -4.44
CA ARG A 102 10.83 5.01 -5.78
CA ARG A 102 10.90 4.94 -5.77
C ARG A 102 9.72 3.98 -5.95
N TRP A 103 9.42 3.19 -4.94
CA TRP A 103 8.29 2.25 -5.09
C TRP A 103 7.00 3.01 -5.32
N SER A 104 6.74 4.03 -4.52
CA SER A 104 5.51 4.84 -4.64
CA SER A 104 5.50 4.84 -4.64
C SER A 104 5.44 5.48 -6.04
N ASN A 105 6.55 6.06 -6.48
CA ASN A 105 6.56 6.84 -7.73
C ASN A 105 6.53 5.94 -8.96
N GLN A 106 7.20 4.78 -8.91
CA GLN A 106 7.50 4.01 -10.13
C GLN A 106 6.84 2.65 -10.18
N THR A 107 6.49 2.03 -9.07
CA THR A 107 5.85 0.71 -9.07
C THR A 107 4.36 0.82 -8.77
N GLU A 108 4.02 1.56 -7.72
CA GLU A 108 2.62 1.60 -7.25
C GLU A 108 1.66 2.01 -8.35
N PRO A 109 1.96 3.02 -9.20
CA PRO A 109 0.96 3.42 -10.20
C PRO A 109 0.60 2.26 -11.16
N THR A 110 1.60 1.46 -11.52
CA THR A 110 1.36 0.28 -12.38
C THR A 110 0.45 -0.71 -11.64
N LEU A 111 0.71 -0.94 -10.36
CA LEU A 111 -0.12 -1.86 -9.58
C LEU A 111 -1.55 -1.30 -9.44
N MET A 112 -1.70 0.02 -9.30
CA MET A 112 -3.03 0.64 -9.26
C MET A 112 -3.77 0.34 -10.55
N GLU A 113 -3.11 0.57 -11.67
CA GLU A 113 -3.75 0.40 -12.99
CA GLU A 113 -3.74 0.42 -13.00
C GLU A 113 -4.11 -1.06 -13.25
N GLU A 114 -3.19 -1.96 -12.98
CA GLU A 114 -3.37 -3.37 -13.41
CA GLU A 114 -3.32 -3.39 -13.40
C GLU A 114 -4.13 -4.20 -12.39
N TYR A 115 -4.15 -3.80 -11.13
CA TYR A 115 -4.69 -4.70 -10.07
C TYR A 115 -5.68 -3.97 -9.15
N VAL A 116 -5.32 -2.83 -8.60
CA VAL A 116 -6.16 -2.23 -7.54
C VAL A 116 -7.49 -1.75 -8.09
N SER A 117 -7.45 -1.08 -9.21
CA SER A 117 -8.69 -0.57 -9.81
CA SER A 117 -8.65 -0.59 -9.94
CA SER A 117 -8.68 -0.58 -9.84
C SER A 117 -9.61 -1.76 -10.21
N LYS A 118 -9.03 -2.90 -10.55
CA LYS A 118 -9.80 -4.09 -10.98
C LYS A 118 -10.32 -4.92 -9.80
N GLY A 119 -10.08 -4.52 -8.56
CA GLY A 119 -10.55 -5.28 -7.39
C GLY A 119 -9.69 -6.48 -7.06
N LEU A 120 -8.51 -6.62 -7.68
CA LEU A 120 -7.66 -7.80 -7.46
C LEU A 120 -6.74 -7.64 -6.26
N VAL A 121 -6.28 -6.42 -6.00
CA VAL A 121 -5.28 -6.16 -4.96
C VAL A 121 -5.73 -4.99 -4.11
N ARG A 122 -5.54 -5.12 -2.82
CA ARG A 122 -5.63 -4.02 -1.85
C ARG A 122 -4.23 -3.71 -1.34
N ILE A 123 -3.87 -2.45 -1.22
CA ILE A 123 -2.55 -2.03 -0.71
C ILE A 123 -2.77 -1.34 0.63
N GLU A 124 -2.07 -1.78 1.65
CA GLU A 124 -2.18 -1.22 3.01
C GLU A 124 -0.83 -0.68 3.46
N TRP A 125 -0.80 0.60 3.80
CA TRP A 125 0.40 1.25 4.33
C TRP A 125 0.52 0.99 5.84
N ASN A 126 1.76 0.78 6.25
CA ASN A 126 2.17 0.69 7.65
C ASN A 126 3.38 1.58 7.85
N ASP A 127 3.38 2.37 8.92
CA ASP A 127 4.54 3.21 9.21
C ASP A 127 5.70 2.37 9.74
N LEU A 128 6.88 2.65 9.22
CA LEU A 128 8.14 2.13 9.81
C LEU A 128 9.19 3.22 9.69
N PRO A 129 9.18 4.22 10.59
CA PRO A 129 10.15 5.29 10.49
C PRO A 129 11.51 4.75 10.91
N VAL A 130 12.46 4.74 9.98
CA VAL A 130 13.85 4.31 10.24
C VAL A 130 14.80 5.51 10.15
N ASN A 131 14.40 6.60 9.50
CA ASN A 131 15.35 7.68 9.16
C ASN A 131 15.38 8.80 10.19
N GLY A 132 14.82 8.60 11.37
CA GLY A 132 14.98 9.57 12.47
C GLY A 132 13.94 10.67 12.42
N GLU A 133 14.32 11.84 12.93
CA GLU A 133 13.34 12.87 13.31
C GLU A 133 12.47 13.30 12.15
N HIS A 134 13.02 13.48 10.95
CA HIS A 134 12.20 13.95 9.82
C HIS A 134 11.21 12.85 9.41
N ALA A 135 11.63 11.59 9.48
CA ALA A 135 10.74 10.48 9.11
C ALA A 135 9.59 10.36 10.12
N LEU A 136 9.88 10.53 11.40
CA LEU A 136 8.81 10.49 12.42
C LEU A 136 7.84 11.65 12.21
N ALA A 137 8.37 12.85 11.97
CA ALA A 137 7.51 14.03 11.72
C ALA A 137 6.68 13.80 10.47
N ALA A 138 7.25 13.21 9.43
CA ALA A 138 6.49 12.97 8.20
C ALA A 138 5.37 11.96 8.45
N ALA A 139 5.64 10.94 9.26
CA ALA A 139 4.61 9.92 9.57
C ALA A 139 3.46 10.57 10.36
N LYS A 140 3.78 11.47 11.28
CA LYS A 140 2.74 12.21 12.02
CA LYS A 140 2.74 12.22 12.02
C LYS A 140 1.90 13.03 11.04
N ALA A 141 2.55 13.72 10.09
CA ALA A 141 1.82 14.49 9.07
C ALA A 141 0.95 13.56 8.21
N GLY A 142 1.48 12.39 7.85
CA GLY A 142 0.67 11.46 7.06
C GLY A 142 -0.59 11.05 7.81
N ARG A 143 -0.47 10.80 9.11
CA ARG A 143 -1.66 10.45 9.89
C ARG A 143 -2.61 11.65 9.97
N ALA A 144 -2.10 12.87 10.12
CA ALA A 144 -2.98 14.05 10.11
C ALA A 144 -3.72 14.13 8.76
N ALA A 145 -3.05 13.84 7.64
CA ALA A 145 -3.74 13.83 6.34
C ALA A 145 -4.80 12.73 6.28
N ALA A 146 -4.45 11.55 6.78
CA ALA A 146 -5.37 10.39 6.78
C ALA A 146 -6.63 10.68 7.60
N ALA A 147 -6.50 11.42 8.70
CA ALA A 147 -7.67 11.75 9.54
C ALA A 147 -8.73 12.50 8.73
N GLN A 148 -8.30 13.20 7.68
CA GLN A 148 -9.18 14.00 6.82
C GLN A 148 -9.36 13.33 5.45
N GLY A 149 -9.03 12.05 5.35
CA GLY A 149 -9.34 11.25 4.16
C GLY A 149 -8.41 11.50 2.99
N LYS A 150 -7.21 12.01 3.23
CA LYS A 150 -6.29 12.42 2.14
C LYS A 150 -4.94 11.73 2.26
N PHE A 151 -4.86 10.55 2.86
CA PHE A 151 -3.55 9.90 2.99
C PHE A 151 -2.91 9.63 1.63
N ASP A 152 -3.65 9.03 0.72
N ASP A 152 -3.64 9.01 0.71
CA ASP A 152 -3.06 8.61 -0.57
CA ASP A 152 -3.02 8.63 -0.60
C ASP A 152 -2.56 9.85 -1.32
C ASP A 152 -2.54 9.88 -1.33
N GLU A 153 -3.34 10.92 -1.32
CA GLU A 153 -2.97 12.17 -2.02
C GLU A 153 -1.76 12.81 -1.36
N PHE A 154 -1.70 12.78 -0.03
CA PHE A 154 -0.55 13.32 0.70
C PHE A 154 0.70 12.52 0.37
N ARG A 155 0.59 11.20 0.45
CA ARG A 155 1.72 10.29 0.14
CA ARG A 155 1.73 10.30 0.15
C ARG A 155 2.25 10.60 -1.27
N LYS A 156 1.38 10.69 -2.24
CA LYS A 156 1.81 10.95 -3.63
CA LYS A 156 1.80 10.95 -3.64
C LYS A 156 2.45 12.33 -3.73
N ALA A 157 1.88 13.35 -3.12
CA ALA A 157 2.49 14.69 -3.21
C ALA A 157 3.89 14.66 -2.61
N LEU A 158 4.02 14.07 -1.44
CA LEU A 158 5.33 14.05 -0.75
C LEU A 158 6.33 13.26 -1.60
N PHE A 159 6.00 12.05 -2.00
CA PHE A 159 6.99 11.22 -2.70
C PHE A 159 7.27 11.76 -4.10
N GLU A 160 6.31 12.37 -4.77
CA GLU A 160 6.62 12.98 -6.09
CA GLU A 160 6.63 12.97 -6.09
C GLU A 160 7.65 14.10 -5.91
N ALA A 161 7.56 14.86 -4.81
CA ALA A 161 8.53 15.92 -4.53
C ALA A 161 9.92 15.34 -4.25
N SER A 162 10.03 14.07 -3.90
CA SER A 162 11.31 13.37 -3.69
C SER A 162 11.78 12.65 -4.94
N ARG A 163 11.15 12.78 -6.09
CA ARG A 163 11.48 11.85 -7.21
CA ARG A 163 11.46 11.87 -7.24
C ARG A 163 12.90 12.02 -7.73
N ASN A 164 13.52 13.19 -7.54
CA ASN A 164 14.90 13.41 -8.04
C ASN A 164 15.93 13.36 -6.92
N VAL A 165 15.55 12.95 -5.72
CA VAL A 165 16.45 13.02 -4.55
C VAL A 165 17.03 11.65 -4.27
N SER A 166 18.34 11.54 -4.34
CA SER A 166 19.01 10.24 -4.14
CA SER A 166 19.10 10.29 -4.09
C SER A 166 19.13 9.89 -2.65
C SER A 166 19.58 10.23 -2.64
N GLY A 167 19.05 10.85 -1.76
N GLY A 167 18.77 10.72 -1.74
CA GLY A 167 19.02 10.57 -0.32
C GLY A 167 17.71 10.93 0.33
N HIS A 168 17.80 11.66 1.41
CA HIS A 168 16.64 12.07 2.21
C HIS A 168 16.30 13.51 1.92
N PRO A 169 15.01 13.85 1.74
CA PRO A 169 14.63 15.23 1.47
C PRO A 169 14.74 16.16 2.69
N ASN A 170 14.75 15.60 3.90
CA ASN A 170 14.77 16.43 5.13
C ASN A 170 13.58 17.38 5.14
N ASN A 171 12.40 16.82 4.90
CA ASN A 171 11.17 17.60 4.96
C ASN A 171 10.86 18.03 6.38
N THR A 172 10.29 19.22 6.48
CA THR A 172 9.84 19.78 7.77
C THR A 172 8.41 20.26 7.65
N LEU A 173 7.90 20.86 8.70
CA LEU A 173 6.46 21.17 8.80
C LEU A 173 5.96 21.94 7.58
N LYS A 174 6.66 22.97 7.14
CA LYS A 174 6.13 23.77 6.01
C LYS A 174 6.05 22.92 4.75
N ASP A 175 6.97 21.97 4.56
CA ASP A 175 6.87 21.03 3.42
C ASP A 175 5.60 20.18 3.59
N PHE A 176 5.38 19.62 4.78
CA PHE A 176 4.19 18.78 4.99
C PHE A 176 2.90 19.58 4.78
N GLU A 177 2.89 20.84 5.21
CA GLU A 177 1.69 21.67 5.00
C GLU A 177 1.45 21.89 3.51
N ARG A 178 2.51 22.12 2.74
CA ARG A 178 2.36 22.23 1.28
C ARG A 178 1.79 20.94 0.69
N PHE A 179 2.33 19.80 1.10
CA PHE A 179 1.79 18.53 0.57
C PHE A 179 0.33 18.35 0.94
N ALA A 180 -0.04 18.77 2.14
CA ALA A 180 -1.45 18.71 2.57
C ALA A 180 -2.32 19.62 1.69
N ARG A 181 -1.87 20.84 1.42
CA ARG A 181 -2.60 21.75 0.49
CA ARG A 181 -2.66 21.71 0.52
C ARG A 181 -2.72 21.06 -0.88
N ASN A 182 -1.63 20.50 -1.37
CA ASN A 182 -1.64 19.84 -2.69
C ASN A 182 -2.66 18.70 -2.69
N ALA A 183 -2.75 18.01 -1.57
CA ALA A 183 -3.61 16.82 -1.41
C ALA A 183 -5.07 17.22 -1.23
N GLY A 184 -5.38 18.48 -1.01
CA GLY A 184 -6.78 18.91 -0.79
C GLY A 184 -7.26 18.68 0.63
N VAL A 185 -6.37 18.65 1.62
CA VAL A 185 -6.79 18.59 3.04
C VAL A 185 -7.63 19.82 3.36
N LYS A 186 -8.85 19.61 3.84
CA LYS A 186 -9.79 20.75 3.91
CA LYS A 186 -9.85 20.70 3.94
C LYS A 186 -9.60 21.60 5.16
N ASP A 187 -9.20 21.01 6.28
CA ASP A 187 -9.04 21.72 7.56
C ASP A 187 -7.56 21.83 7.87
N MET A 188 -6.95 22.90 7.38
CA MET A 188 -5.49 23.06 7.53
C MET A 188 -5.13 23.41 8.96
N GLU A 189 -6.02 24.01 9.75
CA GLU A 189 -5.72 24.27 11.17
CA GLU A 189 -5.76 24.29 11.18
C GLU A 189 -5.61 22.95 11.92
N ARG A 190 -6.55 22.04 11.69
CA ARG A 190 -6.48 20.72 12.34
C ARG A 190 -5.22 20.00 11.85
N PHE A 191 -4.96 20.03 10.55
CA PHE A 191 -3.77 19.34 10.00
C PHE A 191 -2.52 19.84 10.68
N SER A 192 -2.33 21.15 10.73
CA SER A 192 -1.06 21.72 11.24
C SER A 192 -0.92 21.42 12.73
N ARG A 193 -2.03 21.41 13.46
CA ARG A 193 -1.99 21.10 14.89
C ARG A 193 -1.57 19.64 15.08
N GLU A 194 -2.27 18.73 14.40
CA GLU A 194 -2.02 17.28 14.58
C GLU A 194 -0.68 16.86 14.00
N ALA A 195 -0.16 17.60 13.02
CA ALA A 195 1.17 17.28 12.46
C ALA A 195 2.25 17.58 13.50
N GLN A 196 1.96 18.40 14.50
CA GLN A 196 2.98 18.88 15.48
C GLN A 196 2.77 18.30 16.87
N ASP A 197 1.52 18.11 17.29
CA ASP A 197 1.25 17.86 18.73
C ASP A 197 1.36 16.37 19.01
N SER A 198 0.91 15.96 20.18
CA SER A 198 1.14 14.59 20.66
C SER A 198 0.10 13.61 20.11
N THR A 199 -0.86 14.05 19.29
CA THR A 199 -2.00 13.22 18.88
C THR A 199 -1.54 11.82 18.44
N TYR A 200 -0.58 11.73 17.53
CA TYR A 200 -0.18 10.45 16.91
C TYR A 200 1.09 9.87 17.53
N ASP A 201 1.61 10.42 18.62
CA ASP A 201 2.89 9.90 19.17
C ASP A 201 2.73 8.44 19.60
N GLU A 202 1.65 8.14 20.31
CA GLU A 202 1.44 6.77 20.85
C GLU A 202 1.33 5.76 19.70
N VAL A 203 0.49 6.04 18.72
CA VAL A 203 0.31 5.04 17.65
C VAL A 203 1.61 4.87 16.87
N LEU A 204 2.40 5.93 16.69
CA LEU A 204 3.65 5.75 15.93
C LEU A 204 4.62 4.85 16.69
N THR A 205 4.67 4.99 18.01
CA THR A 205 5.50 4.09 18.84
C THR A 205 4.98 2.66 18.70
N LYS A 206 3.67 2.46 18.80
CA LYS A 206 3.09 1.11 18.67
C LYS A 206 3.36 0.53 17.28
N ALA A 207 3.24 1.34 16.24
CA ALA A 207 3.46 0.84 14.87
C ALA A 207 4.91 0.39 14.69
N ALA A 208 5.85 1.17 15.20
CA ALA A 208 7.27 0.79 15.12
C ALA A 208 7.51 -0.51 15.91
N ASP A 209 6.96 -0.61 17.12
CA ASP A 209 7.18 -1.81 17.97
C ASP A 209 6.58 -3.04 17.29
N TYR A 210 5.44 -2.90 16.65
CA TYR A 210 4.78 -4.01 15.91
C TYR A 210 5.71 -4.48 14.79
N ALA A 211 6.20 -3.54 14.00
CA ALA A 211 7.10 -3.92 12.88
C ALA A 211 8.34 -4.59 13.43
N HIS A 212 8.93 -4.03 14.49
CA HIS A 212 10.16 -4.63 15.04
CA HIS A 212 10.14 -4.60 15.16
C HIS A 212 9.86 -6.04 15.58
N GLY A 213 8.66 -6.30 16.10
CA GLY A 213 8.26 -7.64 16.59
C GLY A 213 8.23 -8.66 15.46
N LEU A 214 7.99 -8.23 14.23
CA LEU A 214 8.02 -9.11 13.02
C LEU A 214 9.47 -9.23 12.51
N GLY A 215 10.39 -8.48 13.06
CA GLY A 215 11.77 -8.43 12.55
C GLY A 215 11.91 -7.56 11.32
N VAL A 216 10.92 -6.72 11.01
CA VAL A 216 11.03 -5.81 9.84
C VAL A 216 11.80 -4.59 10.28
N SER A 217 12.96 -4.39 9.66
CA SER A 217 13.93 -3.34 10.07
C SER A 217 14.32 -2.43 8.90
N GLY A 218 13.99 -2.78 7.66
CA GLY A 218 14.41 -2.00 6.47
C GLY A 218 13.22 -1.61 5.65
N THR A 219 13.27 -0.42 5.08
CA THR A 219 12.16 0.09 4.26
C THR A 219 12.59 0.24 2.81
N PRO A 220 11.65 0.07 1.87
CA PRO A 220 10.31 -0.47 2.11
C PRO A 220 10.38 -2.00 2.26
N ALA A 221 9.39 -2.56 2.94
CA ALA A 221 9.24 -4.02 3.09
C ALA A 221 7.80 -4.37 2.81
N PHE A 222 7.59 -5.55 2.28
CA PHE A 222 6.26 -5.94 1.83
C PHE A 222 5.93 -7.37 2.23
N VAL A 223 4.66 -7.60 2.51
CA VAL A 223 4.09 -8.96 2.47
C VAL A 223 3.05 -8.93 1.38
N VAL A 224 3.33 -9.61 0.29
CA VAL A 224 2.46 -9.68 -0.90
C VAL A 224 1.74 -11.02 -0.78
N GLY A 225 0.51 -11.01 -0.28
CA GLY A 225 -0.17 -12.27 0.02
C GLY A 225 0.54 -12.98 1.16
N THR A 226 1.23 -14.08 0.85
CA THR A 226 2.02 -14.85 1.83
C THR A 226 3.51 -14.59 1.71
N GLN A 227 3.96 -13.83 0.71
CA GLN A 227 5.39 -13.73 0.35
C GLN A 227 6.01 -12.42 0.83
N TYR A 228 7.11 -12.51 1.55
CA TYR A 228 7.86 -11.33 2.02
C TYR A 228 8.82 -10.87 0.91
N ILE A 229 8.85 -9.56 0.67
CA ILE A 229 9.79 -8.90 -0.26
C ILE A 229 10.45 -7.77 0.50
N SER A 230 11.76 -7.78 0.55
CA SER A 230 12.53 -6.67 1.15
C SER A 230 13.00 -5.73 0.05
N GLY A 231 12.64 -4.46 0.15
CA GLY A 231 13.17 -3.42 -0.72
C GLY A 231 12.36 -3.14 -1.97
N ALA A 232 12.74 -2.05 -2.63
CA ALA A 232 12.11 -1.57 -3.87
C ALA A 232 12.64 -2.39 -5.04
N GLN A 233 12.24 -3.65 -5.08
CA GLN A 233 12.61 -4.56 -6.19
C GLN A 233 11.90 -4.10 -7.46
N PRO A 234 12.34 -4.59 -8.64
CA PRO A 234 11.75 -4.11 -9.88
C PRO A 234 10.23 -4.35 -9.93
N THR A 235 9.53 -3.45 -10.63
CA THR A 235 8.08 -3.57 -10.85
C THR A 235 7.78 -4.98 -11.36
N GLU A 236 8.57 -5.51 -12.28
CA GLU A 236 8.23 -6.82 -12.89
CA GLU A 236 8.31 -6.84 -12.90
C GLU A 236 8.31 -7.92 -11.82
N GLU A 237 9.15 -7.78 -10.79
CA GLU A 237 9.21 -8.78 -9.69
CA GLU A 237 9.22 -8.78 -9.69
C GLU A 237 7.91 -8.71 -8.88
N PHE A 238 7.44 -7.51 -8.59
CA PHE A 238 6.15 -7.38 -7.87
C PHE A 238 5.03 -8.02 -8.68
N ILE A 239 5.01 -7.78 -9.99
CA ILE A 239 3.95 -8.36 -10.85
C ILE A 239 4.04 -9.88 -10.78
N LYS A 240 5.25 -10.44 -10.90
CA LYS A 240 5.39 -11.92 -10.88
CA LYS A 240 5.47 -11.92 -10.86
C LYS A 240 4.92 -12.49 -9.54
N VAL A 241 5.25 -11.85 -8.45
CA VAL A 241 4.82 -12.36 -7.12
C VAL A 241 3.30 -12.21 -7.00
N ILE A 242 2.74 -11.09 -7.42
CA ILE A 242 1.26 -10.92 -7.37
C ILE A 242 0.59 -12.04 -8.17
N GLU A 243 1.08 -12.32 -9.37
CA GLU A 243 0.45 -13.36 -10.22
C GLU A 243 0.58 -14.74 -9.54
N SER A 244 1.74 -15.03 -8.97
CA SER A 244 1.98 -16.31 -8.27
C SER A 244 1.05 -16.44 -7.06
N GLU A 245 0.90 -15.37 -6.29
CA GLU A 245 0.07 -15.42 -5.08
C GLU A 245 -1.40 -15.52 -5.45
N LEU A 246 -1.83 -14.88 -6.54
CA LEU A 246 -3.22 -15.01 -7.00
C LEU A 246 -3.48 -16.44 -7.48
N LYS A 247 -2.51 -17.09 -8.08
CA LYS A 247 -2.68 -18.51 -8.47
C LYS A 247 -2.87 -19.37 -7.24
N LYS A 248 -2.11 -19.11 -6.18
CA LYS A 248 -2.18 -19.91 -4.93
CA LYS A 248 -2.17 -19.92 -4.93
C LYS A 248 -3.53 -19.69 -4.25
N SER A 249 -4.07 -18.49 -4.32
CA SER A 249 -5.28 -18.10 -3.58
C SER A 249 -6.11 -17.15 -4.43
N PRO A 250 -6.94 -17.70 -5.34
CA PRO A 250 -7.63 -16.87 -6.32
C PRO A 250 -8.84 -16.12 -5.80
N THR A 251 -9.36 -16.54 -4.65
CA THR A 251 -10.66 -16.04 -4.14
CA THR A 251 -10.65 -16.02 -4.13
C THR A 251 -10.53 -15.75 -2.64
N PHE A 252 -11.09 -14.64 -2.22
CA PHE A 252 -11.24 -14.32 -0.79
C PHE A 252 -12.71 -14.52 -0.42
N SER A 253 -12.96 -15.25 0.66
CA SER A 253 -14.33 -15.46 1.19
C SER A 253 -14.57 -14.57 2.42
C1 PGE B . -15.04 16.14 9.27
O1 PGE B . -16.12 15.68 8.49
C2 PGE B . -15.47 16.61 10.62
O2 PGE B . -14.77 15.88 11.61
C3 PGE B . -14.57 16.65 12.80
C4 PGE B . -13.23 16.33 13.37
O4 PGE B . -11.01 15.83 16.41
C6 PGE B . -12.15 15.92 15.59
C5 PGE B . -12.41 14.65 14.82
O3 PGE B . -13.13 14.93 13.64
C1 EDO C . -10.01 1.33 -6.14
O1 EDO C . -10.36 1.02 -4.82
C2 EDO C . -9.09 2.51 -6.24
O2 EDO C . -9.62 3.69 -5.66
CL CL D . 1.89 -9.45 15.71
#